data_2BNF
#
_entry.id   2BNF
#
_cell.length_a   141.910
_cell.length_b   141.910
_cell.length_c   60.380
_cell.angle_alpha   90.00
_cell.angle_beta   90.00
_cell.angle_gamma   120.00
#
_symmetry.space_group_name_H-M   'H 3'
#
loop_
_entity.id
_entity.type
_entity.pdbx_description
1 polymer 'URIDYLATE KINASE'
2 non-polymer "URIDINE 5'-TRIPHOSPHATE"
3 non-polymer GLYCEROL
4 water water
#
_entity_poly.entity_id   1
_entity_poly.type   'polypeptide(L)'
_entity_poly.pdbx_seq_one_letter_code
;(MSE)ATNAKPVYKRILLKLSGEALQGTEGFGIDASILDR(MSE)AQEIKELVELGIQVGVVIGGGNLFRGAGLAKAG
(MSE)NRVVGDH(MSE)G(MSE)LATV(MSE)NGLA(MSE)RDALHRAYVNARL(MSE)SAIPLNGVCDSYSWAEAISLL
RNNRVVILSAGTGNPFFTTDSAACLRGIEIEANVVLKATKVDGVFTADPAKDPTAT(MSE)YEQLTYSEVLEKELKV
(MSE)DLAAFTLARDHKLPIRVFN(MSE)NKPGALRRVV(MSE)GEKEGTLITE
;
_entity_poly.pdbx_strand_id   A,B
#
loop_
_chem_comp.id
_chem_comp.type
_chem_comp.name
_chem_comp.formula
GOL non-polymer GLYCEROL 'C3 H8 O3'
UTP non-polymer 'URIDINE 5'-TRIPHOSPHATE' 'C9 H15 N2 O15 P3'
#
# COMPACT_ATOMS: atom_id res chain seq x y z
N ALA A 5 -8.84 -13.57 -39.40
CA ALA A 5 -9.56 -12.73 -38.40
C ALA A 5 -8.61 -12.25 -37.30
N LYS A 6 -7.59 -11.49 -37.68
CA LYS A 6 -6.61 -10.98 -36.73
C LYS A 6 -7.13 -9.78 -35.93
N PRO A 7 -6.42 -9.41 -34.84
CA PRO A 7 -6.81 -8.28 -33.97
C PRO A 7 -6.99 -6.94 -34.69
N VAL A 8 -7.83 -6.08 -34.12
CA VAL A 8 -8.12 -4.78 -34.70
C VAL A 8 -7.35 -3.61 -34.07
N TYR A 9 -6.57 -3.90 -33.03
CA TYR A 9 -5.80 -2.87 -32.35
C TYR A 9 -4.33 -3.30 -32.24
N LYS A 10 -3.41 -2.42 -32.60
CA LYS A 10 -1.98 -2.72 -32.49
C LYS A 10 -1.51 -2.45 -31.06
N ARG A 11 -1.93 -1.32 -30.51
CA ARG A 11 -1.56 -0.93 -29.15
C ARG A 11 -2.76 -0.43 -28.37
N ILE A 12 -2.97 -1.00 -27.19
CA ILE A 12 -4.09 -0.58 -26.38
C ILE A 12 -3.61 -0.08 -25.03
N LEU A 13 -4.54 0.47 -24.24
CA LEU A 13 -4.23 0.91 -22.91
C LEU A 13 -5.34 0.31 -22.04
N LEU A 14 -4.99 -0.74 -21.31
CA LEU A 14 -5.93 -1.41 -20.44
C LEU A 14 -5.96 -0.70 -19.10
N LYS A 15 -7.15 -0.26 -18.71
CA LYS A 15 -7.29 0.42 -17.44
C LYS A 15 -8.09 -0.50 -16.52
N LEU A 16 -7.44 -0.98 -15.47
CA LEU A 16 -8.09 -1.85 -14.50
C LEU A 16 -8.37 -1.05 -13.25
N SER A 17 -9.59 -1.16 -12.76
CA SER A 17 -9.98 -0.48 -11.54
C SER A 17 -9.38 -1.32 -10.42
N GLY A 18 -8.99 -0.69 -9.32
CA GLY A 18 -8.40 -1.42 -8.22
C GLY A 18 -9.30 -2.54 -7.73
N GLU A 19 -10.61 -2.32 -7.83
CA GLU A 19 -11.57 -3.32 -7.43
C GLU A 19 -11.48 -4.59 -8.28
N ALA A 20 -10.85 -4.48 -9.45
CA ALA A 20 -10.73 -5.62 -10.35
C ALA A 20 -9.93 -6.77 -9.74
N LEU A 21 -9.08 -6.46 -8.76
CA LEU A 21 -8.27 -7.50 -8.12
C LEU A 21 -8.87 -7.96 -6.79
N GLN A 22 -9.96 -7.33 -6.38
CA GLN A 22 -10.64 -7.66 -5.12
C GLN A 22 -11.33 -9.02 -5.17
N GLY A 23 -11.26 -9.75 -4.06
CA GLY A 23 -11.91 -11.04 -4.01
C GLY A 23 -13.37 -10.85 -3.60
N THR A 24 -13.92 -11.85 -2.93
CA THR A 24 -15.30 -11.81 -2.47
C THR A 24 -15.41 -10.99 -1.19
N GLU A 25 -14.29 -10.86 -0.49
CA GLU A 25 -14.25 -10.12 0.77
C GLU A 25 -14.46 -8.62 0.55
N GLY A 26 -14.06 -8.15 -0.62
CA GLY A 26 -14.24 -6.73 -0.94
C GLY A 26 -13.06 -5.85 -0.57
N PHE A 27 -11.86 -6.43 -0.58
CA PHE A 27 -10.66 -5.65 -0.26
C PHE A 27 -9.39 -6.45 -0.49
N GLY A 28 -8.33 -5.75 -0.85
CA GLY A 28 -7.06 -6.42 -1.09
C GLY A 28 -6.96 -7.04 -2.47
N ILE A 29 -6.12 -8.07 -2.56
CA ILE A 29 -5.87 -8.77 -3.80
C ILE A 29 -6.22 -10.26 -3.70
N ASP A 30 -6.79 -10.81 -4.76
CA ASP A 30 -7.14 -12.22 -4.79
C ASP A 30 -6.19 -12.89 -5.77
N ALA A 31 -5.30 -13.73 -5.28
CA ALA A 31 -4.34 -14.41 -6.13
C ALA A 31 -4.92 -15.06 -7.39
N SER A 32 -6.03 -15.78 -7.26
CA SER A 32 -6.61 -16.48 -8.40
C SER A 32 -7.14 -15.58 -9.52
N ILE A 33 -7.68 -14.42 -9.15
CA ILE A 33 -8.21 -13.49 -10.15
C ILE A 33 -7.02 -12.81 -10.83
N LEU A 34 -5.96 -12.64 -10.06
CA LEU A 34 -4.74 -12.03 -10.55
C LEU A 34 -4.15 -12.92 -11.64
N ASP A 35 -4.00 -14.21 -11.33
CA ASP A 35 -3.47 -15.18 -12.27
C ASP A 35 -4.33 -15.31 -13.52
N ARG A 36 -5.63 -15.15 -13.36
CA ARG A 36 -6.57 -15.25 -14.47
C ARG A 36 -6.40 -14.06 -15.40
N MSE A 37 -6.13 -12.89 -14.82
CA MSE A 37 -5.91 -11.67 -15.58
C MSE A 37 -4.64 -11.83 -16.41
O MSE A 37 -4.60 -11.45 -17.59
CB MSE A 37 -5.68 -10.51 -14.61
CG MSE A 37 -6.29 -9.21 -15.03
SE MSE A 37 -7.71 -8.81 -13.82
CE MSE A 37 -8.91 -10.21 -14.42
N ALA A 38 -3.62 -12.40 -15.80
CA ALA A 38 -2.34 -12.64 -16.46
C ALA A 38 -2.44 -13.55 -17.69
N GLN A 39 -3.34 -14.52 -17.65
CA GLN A 39 -3.52 -15.44 -18.78
C GLN A 39 -4.19 -14.71 -19.91
N GLU A 40 -5.17 -13.89 -19.57
CA GLU A 40 -5.90 -13.12 -20.58
C GLU A 40 -5.03 -12.07 -21.25
N ILE A 41 -4.06 -11.54 -20.53
CA ILE A 41 -3.14 -10.54 -21.10
C ILE A 41 -2.04 -11.27 -21.86
N LYS A 42 -1.71 -12.48 -21.42
CA LYS A 42 -0.69 -13.27 -22.09
C LYS A 42 -1.16 -13.50 -23.54
N GLU A 43 -2.42 -13.88 -23.68
CA GLU A 43 -2.98 -14.13 -25.00
C GLU A 43 -2.85 -12.93 -25.94
N LEU A 44 -3.10 -11.72 -25.43
CA LEU A 44 -3.00 -10.52 -26.26
C LEU A 44 -1.58 -10.27 -26.75
N VAL A 45 -0.61 -10.45 -25.86
CA VAL A 45 0.81 -10.28 -26.18
C VAL A 45 1.23 -11.27 -27.28
N GLU A 46 0.72 -12.49 -27.20
CA GLU A 46 1.04 -13.52 -28.19
C GLU A 46 0.39 -13.16 -29.52
N LEU A 47 -0.78 -12.54 -29.45
CA LEU A 47 -1.52 -12.13 -30.63
C LEU A 47 -0.86 -10.95 -31.35
N GLY A 48 0.25 -10.46 -30.80
CA GLY A 48 0.97 -9.34 -31.40
C GLY A 48 0.62 -7.96 -30.86
N ILE A 49 -0.37 -7.89 -29.97
CA ILE A 49 -0.81 -6.62 -29.40
C ILE A 49 0.10 -6.05 -28.32
N GLN A 50 0.35 -4.75 -28.40
CA GLN A 50 1.18 -4.09 -27.40
C GLN A 50 0.26 -3.61 -26.28
N VAL A 51 0.60 -3.96 -25.05
CA VAL A 51 -0.25 -3.62 -23.92
C VAL A 51 0.33 -2.74 -22.82
N GLY A 52 -0.40 -1.68 -22.50
CA GLY A 52 0.00 -0.78 -21.44
C GLY A 52 -1.12 -0.92 -20.42
N VAL A 53 -0.78 -1.00 -19.14
CA VAL A 53 -1.82 -1.15 -18.14
C VAL A 53 -1.78 -0.09 -17.06
N VAL A 54 -2.93 0.48 -16.75
CA VAL A 54 -3.03 1.48 -15.70
C VAL A 54 -3.99 0.90 -14.69
N ILE A 55 -3.49 0.65 -13.49
CA ILE A 55 -4.32 0.08 -12.45
C ILE A 55 -4.64 1.05 -11.31
N GLY A 56 -5.85 0.94 -10.76
CA GLY A 56 -6.28 1.82 -9.68
C GLY A 56 -5.95 1.30 -8.29
N GLY A 57 -6.48 1.97 -7.27
CA GLY A 57 -6.20 1.54 -5.89
C GLY A 57 -7.41 1.49 -4.97
N GLY A 58 -8.61 1.50 -5.54
CA GLY A 58 -9.81 1.46 -4.72
C GLY A 58 -10.02 0.25 -3.82
N ASN A 59 -9.26 -0.81 -4.03
CA ASN A 59 -9.38 -2.00 -3.19
C ASN A 59 -8.52 -1.80 -1.96
N LEU A 60 -7.95 -0.60 -1.83
CA LEU A 60 -7.10 -0.27 -0.70
C LEU A 60 -7.37 1.13 -0.14
N PHE A 61 -7.16 2.17 -0.95
CA PHE A 61 -7.38 3.54 -0.48
C PHE A 61 -7.88 4.56 -1.50
N ARG A 62 -8.57 5.57 -1.00
CA ARG A 62 -9.09 6.67 -1.81
C ARG A 62 -8.83 7.94 -1.01
N GLY A 63 -8.21 8.92 -1.66
CA GLY A 63 -7.88 10.17 -1.00
C GLY A 63 -9.05 10.94 -0.42
N ALA A 64 -10.11 11.09 -1.20
CA ALA A 64 -11.30 11.81 -0.75
C ALA A 64 -11.88 11.12 0.47
N GLY A 65 -11.94 9.79 0.41
CA GLY A 65 -12.47 8.99 1.50
C GLY A 65 -11.66 9.19 2.76
N LEU A 66 -10.33 9.22 2.63
CA LEU A 66 -9.45 9.44 3.77
C LEU A 66 -9.60 10.87 4.30
N ALA A 67 -9.70 11.85 3.40
CA ALA A 67 -9.86 13.24 3.80
C ALA A 67 -11.11 13.45 4.65
N LYS A 68 -12.16 12.70 4.37
CA LYS A 68 -13.39 12.83 5.16
C LYS A 68 -13.08 12.41 6.59
N ALA A 69 -12.20 11.43 6.75
CA ALA A 69 -11.84 10.93 8.06
C ALA A 69 -10.94 11.89 8.85
N GLY A 70 -10.61 13.03 8.26
CA GLY A 70 -9.79 14.02 8.94
C GLY A 70 -8.41 14.29 8.34
N MSE A 71 -7.90 13.34 7.58
CA MSE A 71 -6.59 13.41 6.96
C MSE A 71 -6.41 14.49 5.87
O MSE A 71 -7.37 14.91 5.24
CB MSE A 71 -6.25 12.04 6.37
CG MSE A 71 -4.85 11.90 5.84
SE MSE A 71 -4.48 10.04 5.56
CE MSE A 71 -4.38 9.49 7.40
N ASN A 72 -5.17 14.92 5.68
CA ASN A 72 -4.88 15.93 4.65
C ASN A 72 -5.10 15.31 3.26
N ARG A 73 -6.03 15.87 2.51
CA ARG A 73 -6.36 15.36 1.18
C ARG A 73 -5.16 14.96 0.33
N VAL A 74 -4.13 15.81 0.28
CA VAL A 74 -2.95 15.51 -0.52
C VAL A 74 -2.25 14.24 -0.04
N VAL A 75 -2.16 14.06 1.28
CA VAL A 75 -1.52 12.88 1.82
C VAL A 75 -2.39 11.66 1.53
N GLY A 76 -3.71 11.86 1.52
CA GLY A 76 -4.64 10.78 1.23
C GLY A 76 -4.47 10.33 -0.21
N ASP A 77 -4.24 11.29 -1.09
CA ASP A 77 -4.05 10.99 -2.50
C ASP A 77 -2.70 10.31 -2.74
N HIS A 78 -1.72 10.57 -1.86
CA HIS A 78 -0.41 9.94 -2.00
C HIS A 78 -0.52 8.47 -1.63
N MSE A 79 -1.29 8.20 -0.59
CA MSE A 79 -1.49 6.84 -0.13
C MSE A 79 -2.28 6.09 -1.18
O MSE A 79 -2.02 4.92 -1.45
CB MSE A 79 -2.22 6.84 1.22
CG MSE A 79 -1.32 7.19 2.39
SE MSE A 79 -2.27 7.50 4.05
CE MSE A 79 -2.58 5.65 4.53
N GLY A 80 -3.24 6.77 -1.81
CA GLY A 80 -4.03 6.14 -2.85
C GLY A 80 -3.09 5.74 -3.97
N MSE A 81 -2.29 6.69 -4.45
CA MSE A 81 -1.35 6.42 -5.52
C MSE A 81 -0.45 5.24 -5.14
O MSE A 81 -0.27 4.31 -5.90
CB MSE A 81 -0.49 7.66 -5.83
CG MSE A 81 -1.26 8.73 -6.57
SE MSE A 81 -0.21 10.22 -7.24
CE MSE A 81 -0.48 11.45 -5.78
N LEU A 82 0.09 5.29 -3.94
CA LEU A 82 0.97 4.25 -3.45
C LEU A 82 0.33 2.85 -3.47
N ALA A 83 -1.00 2.82 -3.33
CA ALA A 83 -1.74 1.56 -3.35
C ALA A 83 -1.77 1.02 -4.78
N THR A 84 -1.82 1.92 -5.76
CA THR A 84 -1.85 1.51 -7.16
C THR A 84 -0.52 0.90 -7.53
N VAL A 85 0.49 1.19 -6.71
CA VAL A 85 1.81 0.64 -6.96
C VAL A 85 1.87 -0.74 -6.33
N MSE A 86 1.06 -0.95 -5.30
CA MSE A 86 1.02 -2.24 -4.64
C MSE A 86 0.33 -3.21 -5.60
O MSE A 86 0.74 -4.35 -5.74
CB MSE A 86 0.25 -2.14 -3.33
CG MSE A 86 0.98 -2.70 -2.12
SE MSE A 86 0.69 -1.59 -0.54
CE MSE A 86 -1.21 -1.81 -0.29
N ASN A 87 -0.72 -2.72 -6.27
CA ASN A 87 -1.46 -3.52 -7.23
C ASN A 87 -0.61 -3.79 -8.47
N GLY A 88 0.07 -2.75 -8.95
CA GLY A 88 0.91 -2.89 -10.13
C GLY A 88 2.02 -3.90 -9.95
N LEU A 89 2.51 -4.01 -8.71
CA LEU A 89 3.59 -4.92 -8.35
C LEU A 89 3.10 -6.38 -8.32
N ALA A 90 1.89 -6.56 -7.81
CA ALA A 90 1.28 -7.89 -7.72
C ALA A 90 0.88 -8.35 -9.13
N MSE A 91 0.40 -7.41 -9.94
CA MSE A 91 0.01 -7.70 -11.30
C MSE A 91 1.25 -8.06 -12.12
O MSE A 91 1.22 -8.95 -12.97
CB MSE A 91 -0.72 -6.51 -11.93
CG MSE A 91 -1.06 -6.63 -13.42
SE MSE A 91 -2.09 -8.22 -13.91
CE MSE A 91 -3.82 -7.63 -13.31
N ARG A 92 2.36 -7.37 -11.87
CA ARG A 92 3.57 -7.64 -12.60
C ARG A 92 4.08 -9.03 -12.27
N ASP A 93 3.99 -9.42 -11.00
CA ASP A 93 4.49 -10.73 -10.60
C ASP A 93 3.67 -11.89 -11.18
N ALA A 94 2.36 -11.69 -11.28
CA ALA A 94 1.46 -12.69 -11.86
C ALA A 94 1.85 -12.85 -13.33
N LEU A 95 2.22 -11.73 -13.95
CA LEU A 95 2.62 -11.70 -15.34
C LEU A 95 3.91 -12.51 -15.49
N HIS A 96 4.93 -12.17 -14.71
CA HIS A 96 6.20 -12.88 -14.76
C HIS A 96 6.02 -14.38 -14.44
N ARG A 97 5.07 -14.71 -13.57
CA ARG A 97 4.87 -16.11 -13.23
C ARG A 97 4.13 -16.86 -14.31
N ALA A 98 3.56 -16.11 -15.24
CA ALA A 98 2.84 -16.71 -16.35
C ALA A 98 3.73 -16.60 -17.60
N TYR A 99 4.99 -16.21 -17.37
CA TYR A 99 6.00 -16.07 -18.43
C TYR A 99 5.67 -15.02 -19.46
N VAL A 100 5.39 -13.82 -18.98
CA VAL A 100 5.08 -12.69 -19.84
C VAL A 100 6.04 -11.57 -19.43
N ASN A 101 6.79 -11.05 -20.39
CA ASN A 101 7.70 -9.96 -20.07
C ASN A 101 6.83 -8.76 -19.72
N ALA A 102 7.12 -8.16 -18.57
CA ALA A 102 6.38 -7.01 -18.08
C ALA A 102 7.28 -6.18 -17.19
N ARG A 103 7.08 -4.87 -17.21
CA ARG A 103 7.85 -3.95 -16.40
C ARG A 103 6.90 -2.96 -15.73
N LEU A 104 7.11 -2.73 -14.43
CA LEU A 104 6.29 -1.80 -13.66
C LEU A 104 6.98 -0.45 -13.70
N MSE A 105 6.23 0.59 -14.04
CA MSE A 105 6.79 1.93 -14.05
C MSE A 105 5.92 2.75 -13.12
O MSE A 105 4.72 2.49 -13.00
CB MSE A 105 6.77 2.54 -15.45
CG MSE A 105 7.64 1.78 -16.44
SE MSE A 105 8.09 2.80 -18.00
CE MSE A 105 6.35 3.06 -18.75
N SER A 106 6.51 3.73 -12.44
CA SER A 106 5.75 4.56 -11.51
C SER A 106 5.87 6.05 -11.80
N ALA A 107 4.76 6.76 -11.68
CA ALA A 107 4.73 8.20 -11.90
C ALA A 107 5.39 8.89 -10.71
N ILE A 108 5.62 8.11 -9.66
CA ILE A 108 6.26 8.59 -8.44
C ILE A 108 7.55 7.79 -8.28
N PRO A 109 8.71 8.40 -8.57
CA PRO A 109 10.02 7.75 -8.46
C PRO A 109 10.12 6.87 -7.23
N LEU A 110 10.30 5.57 -7.44
CA LEU A 110 10.41 4.61 -6.34
C LEU A 110 11.57 3.65 -6.60
N ASN A 111 12.77 4.22 -6.71
CA ASN A 111 13.99 3.47 -6.96
C ASN A 111 14.24 2.47 -5.83
N VAL A 113 12.15 -1.75 -6.06
CA VAL A 113 10.74 -2.03 -6.30
C VAL A 113 10.42 -1.97 -7.80
N CYS A 114 10.56 -0.78 -8.37
CA CYS A 114 10.30 -0.57 -9.80
C CYS A 114 11.01 0.70 -10.26
N ASP A 115 11.05 0.93 -11.58
CA ASP A 115 11.70 2.13 -12.10
C ASP A 115 10.66 3.21 -12.34
N SER A 116 11.12 4.39 -12.74
CA SER A 116 10.23 5.51 -12.99
C SER A 116 9.66 5.56 -14.40
N TYR A 117 8.44 6.08 -14.50
CA TYR A 117 7.81 6.21 -15.80
C TYR A 117 8.66 7.10 -16.66
N SER A 118 8.86 6.66 -17.90
CA SER A 118 9.63 7.41 -18.87
C SER A 118 8.98 7.10 -20.21
N TRP A 119 8.35 8.13 -20.79
CA TRP A 119 7.67 8.02 -22.07
C TRP A 119 8.49 7.27 -23.13
N ALA A 120 9.70 7.75 -23.40
CA ALA A 120 10.58 7.13 -24.40
C ALA A 120 10.86 5.67 -24.13
N GLU A 121 11.17 5.35 -22.87
CA GLU A 121 11.45 3.98 -22.46
C GLU A 121 10.19 3.14 -22.63
N ALA A 122 9.05 3.71 -22.28
CA ALA A 122 7.75 3.04 -22.39
C ALA A 122 7.50 2.60 -23.84
N ILE A 123 7.62 3.54 -24.77
CA ILE A 123 7.43 3.27 -26.19
C ILE A 123 8.38 2.18 -26.67
N SER A 124 9.57 2.14 -26.09
CA SER A 124 10.55 1.15 -26.47
C SER A 124 10.16 -0.24 -25.94
N LEU A 125 9.75 -0.30 -24.68
CA LEU A 125 9.32 -1.56 -24.07
C LEU A 125 8.15 -2.08 -24.87
N LEU A 126 7.20 -1.19 -25.17
CA LEU A 126 6.04 -1.57 -25.95
C LEU A 126 6.40 -2.14 -27.31
N ARG A 127 7.31 -1.49 -28.03
CA ARG A 127 7.70 -1.98 -29.35
C ARG A 127 8.39 -3.33 -29.22
N ASN A 128 8.89 -3.63 -28.03
CA ASN A 128 9.58 -4.90 -27.80
C ASN A 128 8.67 -5.97 -27.23
N ASN A 129 7.36 -5.73 -27.28
CA ASN A 129 6.38 -6.69 -26.79
C ASN A 129 6.43 -6.94 -25.29
N ARG A 130 6.76 -5.91 -24.53
CA ARG A 130 6.77 -6.05 -23.09
C ARG A 130 5.60 -5.28 -22.52
N VAL A 131 4.80 -5.93 -21.70
CA VAL A 131 3.65 -5.29 -21.10
C VAL A 131 4.13 -4.21 -20.16
N VAL A 132 3.68 -2.99 -20.38
CA VAL A 132 4.08 -1.90 -19.51
C VAL A 132 2.97 -1.58 -18.51
N ILE A 133 3.31 -1.66 -17.23
CA ILE A 133 2.36 -1.41 -16.15
C ILE A 133 2.67 -0.03 -15.61
N LEU A 134 1.68 0.87 -15.64
CA LEU A 134 1.84 2.24 -15.17
C LEU A 134 1.13 2.54 -13.85
N SER A 135 1.91 2.68 -12.79
CA SER A 135 1.36 2.95 -11.48
C SER A 135 1.48 4.41 -11.04
N ALA A 136 0.80 4.73 -9.93
CA ALA A 136 0.79 6.05 -9.34
C ALA A 136 0.08 7.08 -10.18
N GLY A 137 -0.85 6.61 -11.00
CA GLY A 137 -1.63 7.49 -11.86
C GLY A 137 -0.87 8.58 -12.59
N THR A 138 -1.27 9.83 -12.35
CA THR A 138 -0.62 10.95 -13.00
C THR A 138 0.50 11.53 -12.15
N GLY A 139 0.63 11.03 -10.93
CA GLY A 139 1.66 11.53 -10.03
C GLY A 139 1.15 12.68 -9.18
N ASN A 140 -0.03 13.20 -9.48
CA ASN A 140 -0.58 14.31 -8.72
C ASN A 140 -1.89 14.04 -8.04
N PRO A 141 -2.11 14.69 -6.89
CA PRO A 141 -3.37 14.50 -6.16
C PRO A 141 -4.46 15.23 -6.92
N PHE A 142 -5.71 15.00 -6.52
CA PHE A 142 -6.86 15.63 -7.14
C PHE A 142 -7.08 15.07 -8.53
N PHE A 143 -6.64 13.84 -8.73
CA PHE A 143 -6.79 13.15 -9.99
C PHE A 143 -7.10 11.69 -9.71
N THR A 144 -7.67 11.03 -10.68
CA THR A 144 -8.02 9.63 -10.56
C THR A 144 -7.19 8.84 -11.56
N THR A 145 -7.13 7.53 -11.40
CA THR A 145 -6.38 6.73 -12.33
C THR A 145 -7.06 6.73 -13.69
N ASP A 146 -8.34 7.08 -13.76
CA ASP A 146 -9.02 7.17 -15.05
C ASP A 146 -8.31 8.24 -15.89
N SER A 147 -8.04 9.40 -15.29
CA SER A 147 -7.34 10.47 -15.98
C SER A 147 -5.95 10.01 -16.41
N ALA A 148 -5.32 9.17 -15.60
CA ALA A 148 -3.99 8.69 -15.96
C ALA A 148 -4.10 7.73 -17.14
N ALA A 149 -5.22 7.02 -17.23
CA ALA A 149 -5.42 6.09 -18.33
C ALA A 149 -5.54 6.87 -19.64
N CYS A 150 -6.32 7.94 -19.63
CA CYS A 150 -6.49 8.74 -20.84
C CYS A 150 -5.20 9.49 -21.16
N LEU A 151 -4.52 9.99 -20.13
CA LEU A 151 -3.28 10.71 -20.34
C LEU A 151 -2.21 9.78 -20.93
N ARG A 152 -1.93 8.66 -20.26
CA ARG A 152 -0.91 7.73 -20.74
C ARG A 152 -1.32 7.20 -22.10
N GLY A 153 -2.61 6.91 -22.23
CA GLY A 153 -3.16 6.43 -23.49
C GLY A 153 -2.82 7.38 -24.64
N ILE A 154 -2.90 8.68 -24.41
CA ILE A 154 -2.57 9.64 -25.46
C ILE A 154 -1.05 9.76 -25.67
N GLU A 155 -0.28 9.68 -24.59
CA GLU A 155 1.17 9.77 -24.71
C GLU A 155 1.76 8.62 -25.51
N ILE A 156 1.41 7.39 -25.15
CA ILE A 156 1.93 6.22 -25.84
C ILE A 156 1.21 5.94 -27.16
N GLU A 157 0.34 6.85 -27.57
CA GLU A 157 -0.40 6.69 -28.82
C GLU A 157 -1.10 5.33 -28.96
N ALA A 158 -1.92 4.99 -27.96
CA ALA A 158 -2.66 3.73 -27.99
C ALA A 158 -3.79 3.89 -29.00
N ASN A 159 -4.26 2.80 -29.56
CA ASN A 159 -5.35 2.85 -30.54
C ASN A 159 -6.67 3.04 -29.82
N VAL A 160 -6.70 2.69 -28.54
CA VAL A 160 -7.93 2.78 -27.75
C VAL A 160 -7.66 2.54 -26.26
N VAL A 161 -8.56 3.06 -25.43
CA VAL A 161 -8.47 2.87 -23.99
C VAL A 161 -9.55 1.85 -23.66
N LEU A 162 -9.17 0.72 -23.09
CA LEU A 162 -10.15 -0.30 -22.73
C LEU A 162 -10.42 -0.17 -21.25
N LYS A 163 -11.64 0.24 -20.90
CA LYS A 163 -12.01 0.43 -19.51
C LYS A 163 -12.71 -0.79 -18.94
N ALA A 164 -11.98 -1.55 -18.13
CA ALA A 164 -12.49 -2.76 -17.51
C ALA A 164 -13.47 -2.44 -16.39
N THR A 165 -14.64 -3.05 -16.44
CA THR A 165 -15.65 -2.85 -15.40
C THR A 165 -16.26 -4.21 -15.08
N LYS A 166 -17.12 -4.26 -14.07
CA LYS A 166 -17.74 -5.54 -13.73
C LYS A 166 -19.09 -5.68 -14.39
N VAL A 167 -19.32 -4.79 -15.36
CA VAL A 167 -20.57 -4.77 -16.13
C VAL A 167 -20.25 -4.97 -17.62
N ASP A 168 -21.23 -5.44 -18.38
CA ASP A 168 -21.04 -5.70 -19.81
C ASP A 168 -20.75 -4.48 -20.67
N GLY A 169 -21.17 -3.30 -20.22
CA GLY A 169 -20.93 -2.09 -20.99
C GLY A 169 -21.50 -0.87 -20.28
N VAL A 170 -21.97 0.10 -21.06
CA VAL A 170 -22.58 1.31 -20.51
C VAL A 170 -24.09 1.17 -20.59
N PHE A 171 -24.78 1.34 -19.47
CA PHE A 171 -26.23 1.23 -19.44
C PHE A 171 -26.95 2.57 -19.29
N THR A 172 -28.27 2.52 -19.45
CA THR A 172 -29.13 3.70 -19.32
C THR A 172 -29.23 4.09 -17.85
N ALA A 173 -29.01 3.11 -16.99
CA ALA A 173 -29.02 3.28 -15.55
C ALA A 173 -28.37 2.02 -15.01
N ASP A 174 -28.05 2.00 -13.73
CA ASP A 174 -27.42 0.81 -13.15
C ASP A 174 -28.37 -0.36 -13.36
N PRO A 175 -27.92 -1.40 -14.08
CA PRO A 175 -28.73 -2.58 -14.35
C PRO A 175 -28.98 -3.49 -13.15
N ALA A 176 -28.18 -3.33 -12.10
CA ALA A 176 -28.31 -4.12 -10.88
C ALA A 176 -29.28 -3.46 -9.90
N LYS A 177 -29.49 -2.16 -10.07
CA LYS A 177 -30.40 -1.39 -9.22
C LYS A 177 -31.57 -0.90 -10.06
N ASP A 178 -31.80 -1.53 -11.20
CA ASP A 178 -32.87 -1.15 -12.11
C ASP A 178 -32.88 -2.06 -13.33
N PRO A 179 -33.81 -3.03 -13.37
CA PRO A 179 -33.95 -3.99 -14.47
C PRO A 179 -34.49 -3.43 -15.79
N THR A 180 -34.74 -2.12 -15.83
CA THR A 180 -35.25 -1.48 -17.04
C THR A 180 -34.07 -1.04 -17.91
N ALA A 181 -32.91 -0.85 -17.28
CA ALA A 181 -31.70 -0.41 -17.95
C ALA A 181 -31.28 -1.28 -19.15
N THR A 182 -30.76 -0.61 -20.18
CA THR A 182 -30.30 -1.26 -21.40
C THR A 182 -28.86 -0.83 -21.70
N MSE A 183 -28.14 -1.66 -22.46
CA MSE A 183 -26.74 -1.36 -22.78
C MSE A 183 -26.52 -0.75 -24.16
O MSE A 183 -26.96 -1.29 -25.17
CB MSE A 183 -25.90 -2.64 -22.69
CG MSE A 183 -24.40 -2.42 -22.81
SE MSE A 183 -23.40 -4.04 -23.10
CE MSE A 183 -23.45 -4.08 -25.02
N TYR A 184 -25.82 0.39 -24.21
CA TYR A 184 -25.52 1.02 -25.48
C TYR A 184 -24.41 0.24 -26.17
N GLU A 185 -24.52 0.07 -27.48
CA GLU A 185 -23.50 -0.64 -28.21
C GLU A 185 -22.47 0.35 -28.77
N GLN A 186 -22.82 1.63 -28.77
CA GLN A 186 -21.93 2.68 -29.25
C GLN A 186 -22.43 4.06 -28.82
N LEU A 187 -21.51 4.97 -28.55
CA LEU A 187 -21.85 6.33 -28.13
C LEU A 187 -20.77 7.33 -28.51
N THR A 188 -21.14 8.60 -28.51
CA THR A 188 -20.20 9.67 -28.81
C THR A 188 -19.98 10.41 -27.51
N TYR A 189 -18.85 11.09 -27.37
CA TYR A 189 -18.58 11.83 -26.15
C TYR A 189 -19.74 12.77 -25.84
N SER A 190 -20.31 13.36 -26.88
CA SER A 190 -21.41 14.31 -26.74
C SER A 190 -22.68 13.70 -26.15
N GLU A 191 -23.02 12.48 -26.58
CA GLU A 191 -24.22 11.86 -26.07
C GLU A 191 -24.04 11.44 -24.62
N VAL A 192 -22.84 11.00 -24.27
CA VAL A 192 -22.56 10.60 -22.90
C VAL A 192 -22.83 11.77 -21.96
N LEU A 193 -22.32 12.95 -22.33
CA LEU A 193 -22.48 14.15 -21.52
C LEU A 193 -23.90 14.66 -21.50
N GLU A 194 -24.57 14.57 -22.66
CA GLU A 194 -25.94 15.02 -22.82
C GLU A 194 -26.91 14.18 -22.00
N LYS A 195 -26.79 12.85 -22.13
CA LYS A 195 -27.67 11.96 -21.39
C LYS A 195 -27.22 11.70 -19.95
N GLU A 196 -26.26 12.49 -19.48
CA GLU A 196 -25.76 12.36 -18.11
C GLU A 196 -25.32 10.92 -17.80
N LEU A 197 -24.64 10.29 -18.75
CA LEU A 197 -24.18 8.91 -18.56
C LEU A 197 -22.88 8.83 -17.79
N LYS A 198 -22.79 7.86 -16.89
CA LYS A 198 -21.60 7.68 -16.07
C LYS A 198 -20.63 6.68 -16.70
N VAL A 199 -19.54 7.21 -17.25
CA VAL A 199 -18.51 6.39 -17.89
C VAL A 199 -17.24 6.45 -17.05
N MSE A 200 -16.81 7.68 -16.73
CA MSE A 200 -15.62 7.87 -15.92
C MSE A 200 -15.54 9.30 -15.39
O MSE A 200 -16.47 10.08 -15.54
CB MSE A 200 -14.36 7.55 -16.73
CG MSE A 200 -14.25 8.26 -18.07
SE MSE A 200 -12.52 8.02 -18.91
CE MSE A 200 -12.53 6.09 -19.11
N ASP A 201 -14.42 9.61 -14.76
CA ASP A 201 -14.17 10.94 -14.20
C ASP A 201 -14.30 12.02 -15.27
N LEU A 202 -15.07 13.07 -15.00
CA LEU A 202 -15.27 14.15 -15.97
C LEU A 202 -13.95 14.71 -16.51
N ALA A 203 -13.03 15.01 -15.61
CA ALA A 203 -11.73 15.53 -16.01
C ALA A 203 -11.12 14.61 -17.07
N ALA A 204 -11.01 13.33 -16.74
CA ALA A 204 -10.45 12.32 -17.63
C ALA A 204 -11.21 12.25 -18.97
N PHE A 205 -12.51 12.04 -18.88
CA PHE A 205 -13.36 11.95 -20.07
C PHE A 205 -13.05 13.10 -21.02
N THR A 206 -13.24 14.32 -20.53
CA THR A 206 -12.99 15.55 -21.28
C THR A 206 -11.67 15.51 -22.04
N LEU A 207 -10.63 15.03 -21.37
CA LEU A 207 -9.30 14.92 -21.95
C LEU A 207 -9.31 14.00 -23.17
N ALA A 208 -9.93 12.84 -23.00
CA ALA A 208 -10.02 11.86 -24.08
C ALA A 208 -10.81 12.40 -25.26
N ARG A 209 -11.83 13.21 -24.98
CA ARG A 209 -12.64 13.79 -26.05
C ARG A 209 -11.84 14.75 -26.93
N ASP A 210 -11.04 15.60 -26.28
CA ASP A 210 -10.23 16.59 -26.98
C ASP A 210 -9.17 15.97 -27.87
N HIS A 211 -8.68 14.80 -27.51
CA HIS A 211 -7.65 14.14 -28.31
C HIS A 211 -8.24 13.01 -29.15
N LYS A 212 -9.56 12.94 -29.18
CA LYS A 212 -10.27 11.92 -29.94
C LYS A 212 -9.76 10.50 -29.65
N LEU A 213 -9.51 10.21 -28.38
CA LEU A 213 -9.02 8.88 -27.98
C LEU A 213 -10.24 7.99 -27.74
N PRO A 214 -10.46 6.99 -28.59
CA PRO A 214 -11.62 6.10 -28.41
C PRO A 214 -11.61 5.27 -27.13
N ILE A 215 -12.78 5.12 -26.52
CA ILE A 215 -12.92 4.36 -25.27
C ILE A 215 -13.85 3.17 -25.43
N ARG A 216 -13.43 2.01 -24.94
CA ARG A 216 -14.29 0.84 -24.99
C ARG A 216 -14.52 0.38 -23.57
N VAL A 217 -15.77 0.39 -23.15
CA VAL A 217 -16.14 -0.08 -21.82
C VAL A 217 -16.61 -1.52 -21.96
N PHE A 218 -16.01 -2.42 -21.20
CA PHE A 218 -16.38 -3.84 -21.28
C PHE A 218 -16.34 -4.50 -19.91
N ASN A 219 -16.66 -5.79 -19.87
CA ASN A 219 -16.70 -6.57 -18.64
C ASN A 219 -15.49 -7.47 -18.49
N MSE A 220 -14.60 -7.16 -17.55
CA MSE A 220 -13.40 -7.96 -17.33
C MSE A 220 -13.65 -9.31 -16.66
O MSE A 220 -12.74 -10.15 -16.62
CB MSE A 220 -12.38 -7.15 -16.50
CG MSE A 220 -11.02 -7.81 -16.34
SE MSE A 220 -9.89 -7.77 -17.92
CE MSE A 220 -10.36 -9.48 -18.69
N ASN A 221 -14.85 -9.54 -16.14
CA ASN A 221 -15.19 -10.79 -15.49
C ASN A 221 -15.82 -11.81 -16.42
N LYS A 222 -16.35 -11.33 -17.55
CA LYS A 222 -16.96 -12.20 -18.54
C LYS A 222 -15.82 -12.79 -19.35
N PRO A 223 -15.52 -14.09 -19.16
CA PRO A 223 -14.46 -14.80 -19.87
C PRO A 223 -14.49 -14.64 -21.38
N GLY A 224 -13.34 -14.30 -21.96
CA GLY A 224 -13.26 -14.11 -23.40
C GLY A 224 -13.55 -12.69 -23.84
N ALA A 225 -14.17 -11.92 -22.97
CA ALA A 225 -14.50 -10.52 -23.28
C ALA A 225 -13.30 -9.72 -23.79
N LEU A 226 -12.22 -9.68 -23.02
CA LEU A 226 -11.06 -8.92 -23.43
C LEU A 226 -10.62 -9.33 -24.85
N ARG A 227 -10.57 -10.62 -25.12
CA ARG A 227 -10.16 -11.08 -26.44
C ARG A 227 -11.17 -10.66 -27.50
N ARG A 228 -12.46 -10.81 -27.20
CA ARG A 228 -13.50 -10.44 -28.13
C ARG A 228 -13.43 -8.95 -28.48
N VAL A 229 -13.25 -8.12 -27.46
CA VAL A 229 -13.16 -6.66 -27.65
C VAL A 229 -12.02 -6.31 -28.61
N VAL A 230 -10.93 -7.06 -28.51
CA VAL A 230 -9.75 -6.87 -29.33
C VAL A 230 -9.84 -7.51 -30.71
N MSE A 231 -10.76 -8.46 -30.87
CA MSE A 231 -10.95 -9.14 -32.14
C MSE A 231 -12.08 -8.51 -32.95
O MSE A 231 -12.64 -9.14 -33.85
CB MSE A 231 -11.25 -10.63 -31.91
CG MSE A 231 -10.10 -11.42 -31.31
SE MSE A 231 -8.51 -11.44 -32.44
CE MSE A 231 -8.41 -13.35 -32.79
N GLY A 232 -12.41 -7.27 -32.64
CA GLY A 232 -13.47 -6.58 -33.34
C GLY A 232 -14.83 -7.27 -33.27
N GLU A 233 -15.05 -8.09 -32.24
CA GLU A 233 -16.33 -8.78 -32.09
C GLU A 233 -17.25 -8.02 -31.15
N LYS A 234 -18.55 -8.08 -31.41
CA LYS A 234 -19.55 -7.39 -30.59
C LYS A 234 -19.34 -7.66 -29.11
N GLU A 235 -18.89 -6.64 -28.38
CA GLU A 235 -18.62 -6.77 -26.95
C GLU A 235 -18.44 -5.43 -26.26
N GLY A 236 -19.30 -5.14 -25.29
CA GLY A 236 -19.19 -3.89 -24.57
C GLY A 236 -19.69 -2.69 -25.33
N THR A 237 -19.30 -1.52 -24.87
CA THR A 237 -19.70 -0.26 -25.47
C THR A 237 -18.51 0.50 -26.02
N LEU A 238 -18.65 1.06 -27.22
CA LEU A 238 -17.57 1.85 -27.80
C LEU A 238 -17.97 3.30 -27.67
N ILE A 239 -16.98 4.18 -27.51
CA ILE A 239 -17.23 5.61 -27.38
C ILE A 239 -16.22 6.34 -28.25
N THR A 240 -16.72 7.11 -29.22
CA THR A 240 -15.85 7.87 -30.11
C THR A 240 -16.56 9.11 -30.63
N GLU A 241 -15.79 9.92 -31.36
CA GLU A 241 -16.30 11.14 -31.98
C GLU A 241 -15.16 11.87 -32.70
N ASN B 4 6.38 15.30 40.09
CA ASN B 4 7.89 15.23 40.15
C ASN B 4 8.46 14.04 39.36
N ALA B 5 7.57 13.16 38.91
CA ALA B 5 7.93 11.97 38.15
C ALA B 5 9.23 12.07 37.35
N LYS B 6 9.14 12.65 36.16
CA LYS B 6 10.28 12.78 35.25
C LYS B 6 10.46 11.47 34.49
N PRO B 7 10.60 11.54 33.16
CA PRO B 7 10.78 10.34 32.33
C PRO B 7 12.08 9.59 32.65
N VAL B 8 12.06 8.27 32.53
CA VAL B 8 13.24 7.46 32.80
C VAL B 8 14.00 7.10 31.53
N TYR B 9 13.60 7.70 30.40
CA TYR B 9 14.24 7.46 29.11
C TYR B 9 14.41 8.78 28.35
N LYS B 10 15.53 8.94 27.67
CA LYS B 10 15.80 10.16 26.91
C LYS B 10 15.52 10.02 25.41
N ARG B 11 15.78 8.83 24.89
CA ARG B 11 15.57 8.54 23.47
C ARG B 11 15.04 7.13 23.41
N ILE B 12 13.94 6.95 22.70
CA ILE B 12 13.33 5.65 22.60
C ILE B 12 13.04 5.29 21.17
N LEU B 13 12.95 3.99 20.90
CA LEU B 13 12.58 3.56 19.58
C LEU B 13 11.26 2.84 19.78
N LEU B 14 10.20 3.44 19.26
CA LEU B 14 8.87 2.89 19.41
C LEU B 14 8.44 2.07 18.20
N LYS B 15 8.37 0.76 18.37
CA LYS B 15 7.95 -0.13 17.28
C LYS B 15 6.44 -0.28 17.33
N LEU B 16 5.78 0.24 16.29
CA LEU B 16 4.33 0.15 16.18
C LEU B 16 3.94 -0.99 15.27
N SER B 17 3.10 -1.89 15.80
CA SER B 17 2.64 -3.02 15.02
C SER B 17 1.67 -2.47 13.96
N GLY B 18 1.78 -2.97 12.74
CA GLY B 18 0.88 -2.51 11.70
C GLY B 18 -0.54 -2.91 12.01
N GLU B 19 -0.72 -4.13 12.46
CA GLU B 19 -2.04 -4.67 12.80
C GLU B 19 -2.81 -3.83 13.80
N ALA B 20 -2.09 -3.18 14.72
CA ALA B 20 -2.71 -2.37 15.75
C ALA B 20 -3.20 -1.01 15.28
N LEU B 21 -3.24 -0.79 13.97
CA LEU B 21 -3.74 0.47 13.44
C LEU B 21 -5.06 0.19 12.75
N GLN B 22 -5.49 -1.07 12.80
CA GLN B 22 -6.74 -1.50 12.19
C GLN B 22 -7.90 -1.19 13.13
N GLY B 23 -7.92 -1.88 14.26
CA GLY B 23 -8.99 -1.66 15.24
C GLY B 23 -10.37 -2.00 14.71
N THR B 24 -10.56 -3.27 14.36
CA THR B 24 -11.84 -3.78 13.84
C THR B 24 -12.05 -3.54 12.34
N GLU B 25 -12.56 -4.56 11.67
CA GLU B 25 -12.83 -4.51 10.23
C GLU B 25 -11.51 -4.55 9.45
N PHE B 27 -8.87 -4.70 8.91
CA PHE B 27 -8.17 -4.25 7.71
C PHE B 27 -8.13 -2.73 7.60
N GLY B 28 -7.14 -2.20 6.88
CA GLY B 28 -7.01 -0.77 6.69
C GLY B 28 -6.50 -0.03 7.91
N ILE B 29 -6.84 1.25 8.01
CA ILE B 29 -6.41 2.09 9.13
C ILE B 29 -7.59 2.64 9.93
N ASP B 30 -7.37 2.84 11.21
CA ASP B 30 -8.38 3.40 12.11
C ASP B 30 -7.97 4.82 12.50
N ALA B 31 -8.49 5.79 11.76
CA ALA B 31 -8.20 7.21 11.98
C ALA B 31 -8.21 7.67 13.42
N SER B 32 -9.16 7.18 14.23
CA SER B 32 -9.25 7.60 15.62
C SER B 32 -8.17 7.01 16.51
N ILE B 33 -7.61 5.87 16.10
CA ILE B 33 -6.55 5.25 16.87
C ILE B 33 -5.29 6.01 16.47
N LEU B 34 -5.24 6.44 15.22
CA LEU B 34 -4.10 7.17 14.69
C LEU B 34 -3.98 8.53 15.38
N ASP B 35 -5.12 9.18 15.61
CA ASP B 35 -5.13 10.48 16.27
C ASP B 35 -4.79 10.38 17.74
N ARG B 36 -5.11 9.24 18.36
CA ARG B 36 -4.80 9.06 19.76
C ARG B 36 -3.30 8.83 19.88
N MSE B 37 -2.79 8.09 18.89
CA MSE B 37 -1.37 7.78 18.79
C MSE B 37 -0.58 9.06 18.77
O MSE B 37 0.42 9.21 19.47
CB MSE B 37 -1.10 7.06 17.47
CG MSE B 37 -0.16 5.89 17.57
SE MSE B 37 -1.14 4.39 18.24
CE MSE B 37 -0.98 4.80 20.15
N ALA B 38 -1.04 9.99 17.94
CA ALA B 38 -0.39 11.28 17.78
C ALA B 38 -0.35 12.02 19.12
N GLN B 39 -1.52 12.15 19.76
CA GLN B 39 -1.60 12.84 21.04
C GLN B 39 -0.65 12.29 22.08
N GLU B 40 -0.56 10.97 22.17
CA GLU B 40 0.32 10.33 23.13
C GLU B 40 1.79 10.54 22.79
N ILE B 41 2.10 10.58 21.50
CA ILE B 41 3.47 10.81 21.05
C ILE B 41 3.79 12.29 21.26
N LYS B 42 2.77 13.13 21.22
CA LYS B 42 2.94 14.56 21.41
C LYS B 42 3.47 14.81 22.81
N GLU B 43 2.85 14.13 23.77
CA GLU B 43 3.21 14.26 25.16
C GLU B 43 4.68 13.90 25.40
N LEU B 44 5.16 12.82 24.79
CA LEU B 44 6.55 12.41 24.95
C LEU B 44 7.50 13.48 24.43
N VAL B 45 7.16 14.03 23.27
CA VAL B 45 7.97 15.07 22.65
C VAL B 45 8.10 16.26 23.60
N GLU B 46 6.98 16.68 24.18
CA GLU B 46 6.98 17.81 25.11
C GLU B 46 7.78 17.51 26.37
N LEU B 47 7.75 16.25 26.80
CA LEU B 47 8.47 15.83 27.99
C LEU B 47 9.97 15.82 27.74
N GLY B 48 10.35 16.10 26.49
CA GLY B 48 11.76 16.14 26.13
C GLY B 48 12.30 14.83 25.57
N ILE B 49 11.46 13.81 25.47
CA ILE B 49 11.92 12.53 24.96
C ILE B 49 12.10 12.53 23.45
N GLN B 50 13.18 11.92 22.98
CA GLN B 50 13.44 11.88 21.54
C GLN B 50 12.84 10.58 21.04
N VAL B 51 11.90 10.70 20.09
CA VAL B 51 11.22 9.53 19.59
C VAL B 51 11.50 9.14 18.14
N GLY B 52 11.80 7.87 17.96
CA GLY B 52 12.03 7.31 16.65
C GLY B 52 11.02 6.18 16.62
N VAL B 53 10.19 6.13 15.58
CA VAL B 53 9.20 5.07 15.51
C VAL B 53 9.29 4.20 14.27
N VAL B 54 9.35 2.89 14.50
CA VAL B 54 9.40 1.93 13.41
C VAL B 54 7.99 1.37 13.32
N ILE B 55 7.41 1.45 12.14
CA ILE B 55 6.05 0.97 11.94
C ILE B 55 5.95 -0.21 10.96
N GLY B 56 5.13 -1.19 11.32
CA GLY B 56 4.95 -2.39 10.51
C GLY B 56 3.87 -2.24 9.46
N GLY B 57 3.55 -3.33 8.76
CA GLY B 57 2.53 -3.30 7.73
C GLY B 57 1.51 -4.43 7.76
N GLY B 58 1.59 -5.28 8.79
CA GLY B 58 0.69 -6.41 8.91
C GLY B 58 -0.81 -6.17 8.74
N ASN B 59 -1.25 -4.92 8.76
CA ASN B 59 -2.67 -4.64 8.57
C ASN B 59 -3.05 -4.55 7.08
N LEU B 60 -2.06 -4.66 6.20
CA LEU B 60 -2.27 -4.59 4.75
C LEU B 60 -1.69 -5.83 4.05
N PHE B 61 -0.40 -6.09 4.21
CA PHE B 61 0.25 -7.24 3.59
C PHE B 61 1.44 -7.82 4.36
N ARG B 62 1.60 -9.13 4.26
CA ARG B 62 2.70 -9.87 4.87
C ARG B 62 3.27 -10.74 3.76
N GLY B 63 4.57 -10.58 3.50
CA GLY B 63 5.24 -11.32 2.44
C GLY B 63 5.02 -12.81 2.40
N ALA B 64 5.34 -13.50 3.49
CA ALA B 64 5.18 -14.95 3.57
C ALA B 64 3.74 -15.37 3.25
N GLY B 65 2.78 -14.62 3.77
CA GLY B 65 1.38 -14.94 3.52
C GLY B 65 1.09 -14.89 2.03
N LEU B 66 1.60 -13.86 1.36
CA LEU B 66 1.42 -13.69 -0.07
C LEU B 66 2.13 -14.81 -0.83
N ALA B 67 3.23 -15.31 -0.25
CA ALA B 67 4.00 -16.37 -0.87
C ALA B 67 3.22 -17.68 -0.92
N LYS B 68 2.43 -17.96 0.12
CA LYS B 68 1.65 -19.18 0.13
C LYS B 68 0.63 -19.14 -1.00
N ALA B 69 0.02 -17.97 -1.21
CA ALA B 69 -0.96 -17.82 -2.28
C ALA B 69 -0.33 -18.03 -3.65
N GLY B 70 1.00 -18.13 -3.69
CA GLY B 70 1.69 -18.36 -4.95
C GLY B 70 2.64 -17.29 -5.45
N MSE B 71 2.56 -16.10 -4.87
CA MSE B 71 3.40 -15.00 -5.28
C MSE B 71 4.89 -15.18 -4.95
O MSE B 71 5.24 -15.94 -4.04
CB MSE B 71 2.89 -13.72 -4.63
CG MSE B 71 3.57 -12.47 -5.13
SE MSE B 71 2.55 -10.95 -4.56
CE MSE B 71 1.01 -11.22 -5.68
N ASN B 72 5.77 -14.49 -5.69
CA ASN B 72 7.19 -14.58 -5.41
C ASN B 72 7.46 -13.96 -4.04
N ARG B 73 8.08 -14.74 -3.15
CA ARG B 73 8.36 -14.26 -1.82
C ARG B 73 9.01 -12.87 -1.74
N VAL B 74 9.98 -12.60 -2.62
CA VAL B 74 10.63 -11.30 -2.57
C VAL B 74 9.66 -10.18 -2.90
N VAL B 75 8.89 -10.34 -3.98
CA VAL B 75 7.89 -9.35 -4.35
C VAL B 75 6.88 -9.20 -3.20
N GLY B 76 6.57 -10.31 -2.54
CA GLY B 76 5.65 -10.25 -1.41
C GLY B 76 6.22 -9.39 -0.29
N ASP B 77 7.52 -9.50 -0.03
CA ASP B 77 8.12 -8.69 1.02
C ASP B 77 8.14 -7.24 0.61
N HIS B 78 8.30 -6.99 -0.69
CA HIS B 78 8.32 -5.62 -1.20
C HIS B 78 6.97 -4.94 -1.01
N MSE B 79 5.90 -5.71 -1.09
CA MSE B 79 4.58 -5.13 -0.91
C MSE B 79 4.37 -4.89 0.57
O MSE B 79 3.78 -3.89 0.98
CB MSE B 79 3.51 -6.06 -1.47
CG MSE B 79 3.31 -5.90 -2.97
SE MSE B 79 2.42 -7.37 -3.79
CE MSE B 79 0.63 -7.01 -3.11
N GLY B 80 4.88 -5.82 1.37
CA GLY B 80 4.76 -5.69 2.81
C GLY B 80 5.44 -4.41 3.23
N MSE B 81 6.59 -4.15 2.62
CA MSE B 81 7.34 -2.96 2.93
C MSE B 81 6.61 -1.70 2.50
O MSE B 81 6.56 -0.74 3.26
CB MSE B 81 8.75 -3.04 2.31
CG MSE B 81 9.68 -3.97 3.11
SE MSE B 81 11.55 -3.93 2.58
CE MSE B 81 11.54 -5.36 1.28
N LEU B 82 6.01 -1.70 1.30
CA LEU B 82 5.25 -0.54 0.84
C LEU B 82 4.07 -0.31 1.79
N ALA B 83 3.62 -1.38 2.43
CA ALA B 83 2.52 -1.30 3.36
C ALA B 83 2.98 -0.50 4.58
N THR B 84 4.22 -0.70 5.00
CA THR B 84 4.73 0.04 6.15
C THR B 84 4.90 1.52 5.78
N VAL B 85 5.19 1.78 4.51
CA VAL B 85 5.34 3.16 4.08
C VAL B 85 3.98 3.85 4.06
N MSE B 86 2.91 3.10 3.80
CA MSE B 86 1.58 3.71 3.79
C MSE B 86 1.15 4.06 5.20
O MSE B 86 0.50 5.09 5.42
CB MSE B 86 0.56 2.78 3.13
CG MSE B 86 0.27 3.11 1.67
SE MSE B 86 0.00 1.54 0.53
CE MSE B 86 -1.93 1.49 0.56
N ASN B 87 1.52 3.22 6.16
CA ASN B 87 1.19 3.47 7.56
C ASN B 87 2.02 4.62 8.06
N GLY B 88 3.31 4.63 7.71
CA GLY B 88 4.20 5.69 8.13
C GLY B 88 3.69 7.05 7.67
N LEU B 89 3.17 7.09 6.45
CA LEU B 89 2.65 8.32 5.85
C LEU B 89 1.39 8.79 6.60
N ALA B 90 0.51 7.84 6.94
CA ALA B 90 -0.70 8.17 7.68
C ALA B 90 -0.29 8.65 9.08
N MSE B 91 0.65 7.95 9.71
CA MSE B 91 1.10 8.33 11.04
C MSE B 91 1.68 9.74 11.04
O MSE B 91 1.30 10.57 11.85
CB MSE B 91 2.14 7.31 11.55
CG MSE B 91 2.68 7.58 12.97
SE MSE B 91 1.36 7.64 14.40
CE MSE B 91 0.77 5.82 14.33
N ARG B 92 2.58 10.01 10.09
CA ARG B 92 3.19 11.33 9.99
C ARG B 92 2.14 12.42 9.89
N ASP B 93 1.17 12.23 8.99
CA ASP B 93 0.12 13.21 8.83
C ASP B 93 -0.68 13.45 10.13
N ALA B 94 -0.98 12.38 10.85
CA ALA B 94 -1.72 12.51 12.10
C ALA B 94 -0.89 13.34 13.08
N LEU B 95 0.43 13.20 12.96
CA LEU B 95 1.38 13.91 13.81
C LEU B 95 1.41 15.38 13.43
N HIS B 96 1.49 15.67 12.14
CA HIS B 96 1.49 17.06 11.70
C HIS B 96 0.20 17.75 12.13
N ARG B 97 -0.93 17.08 11.96
CA ARG B 97 -2.22 17.69 12.32
C ARG B 97 -2.40 17.93 13.82
N ALA B 98 -1.54 17.31 14.62
CA ALA B 98 -1.56 17.45 16.07
C ALA B 98 -0.42 18.41 16.42
N TYR B 99 0.07 19.11 15.41
CA TYR B 99 1.12 20.10 15.57
C TYR B 99 2.41 19.54 16.15
N VAL B 100 2.80 18.37 15.66
CA VAL B 100 4.04 17.73 16.10
C VAL B 100 4.98 17.65 14.92
N ASN B 101 6.23 18.07 15.11
CA ASN B 101 7.22 18.02 14.05
C ASN B 101 7.56 16.56 13.81
N ALA B 102 7.40 16.10 12.59
CA ALA B 102 7.73 14.71 12.25
C ALA B 102 8.24 14.59 10.81
N ARG B 103 9.11 13.61 10.60
CA ARG B 103 9.68 13.34 9.30
C ARG B 103 9.58 11.86 9.00
N LEU B 104 9.17 11.55 7.77
CA LEU B 104 9.06 10.17 7.33
C LEU B 104 10.32 9.82 6.53
N MSE B 105 10.93 8.68 6.83
CA MSE B 105 12.10 8.22 6.11
C MSE B 105 11.86 6.79 5.64
O MSE B 105 11.28 5.99 6.35
CB MSE B 105 13.35 8.26 6.99
CG MSE B 105 13.84 9.66 7.29
SE MSE B 105 15.46 9.65 8.36
CE MSE B 105 16.25 11.29 7.68
N SER B 106 12.30 6.47 4.43
CA SER B 106 12.10 5.13 3.89
C SER B 106 13.41 4.41 3.62
N ALA B 107 13.47 3.14 4.02
CA ALA B 107 14.64 2.30 3.82
C ALA B 107 14.91 2.18 2.32
N ILE B 108 13.85 2.02 1.53
CA ILE B 108 14.01 1.97 0.08
C ILE B 108 13.67 3.39 -0.39
N PRO B 109 14.67 4.12 -0.91
CA PRO B 109 14.50 5.49 -1.40
C PRO B 109 13.30 5.71 -2.29
N LEU B 110 12.39 6.58 -1.83
CA LEU B 110 11.18 6.92 -2.57
C LEU B 110 11.07 8.43 -2.65
N ASN B 111 10.16 8.92 -3.49
CA ASN B 111 9.98 10.35 -3.66
C ASN B 111 8.53 10.69 -3.97
N VAL B 113 5.57 9.43 -0.72
CA VAL B 113 6.52 10.52 -0.95
C VAL B 113 7.11 11.00 0.37
N CYS B 114 8.42 10.79 0.52
CA CYS B 114 9.12 11.17 1.73
C CYS B 114 10.63 11.11 1.57
N ASP B 115 11.32 11.34 2.67
CA ASP B 115 12.78 11.32 2.71
C ASP B 115 13.28 9.88 2.60
N SER B 116 14.57 9.76 2.35
CA SER B 116 15.22 8.46 2.28
C SER B 116 15.92 8.36 3.62
N TYR B 117 15.91 7.18 4.25
CA TYR B 117 16.57 7.05 5.55
C TYR B 117 18.05 7.36 5.48
N SER B 118 18.52 8.16 6.43
CA SER B 118 19.92 8.53 6.53
C SER B 118 20.25 8.61 8.00
N TRP B 119 21.26 7.88 8.44
CA TRP B 119 21.64 7.84 9.84
C TRP B 119 21.96 9.21 10.47
N ALA B 120 22.95 9.91 9.92
CA ALA B 120 23.33 11.22 10.45
C ALA B 120 22.14 12.18 10.47
N GLU B 121 21.32 12.13 9.42
CA GLU B 121 20.17 13.00 9.33
C GLU B 121 19.17 12.66 10.43
N ALA B 122 18.96 11.38 10.65
CA ALA B 122 18.04 10.92 11.67
C ALA B 122 18.49 11.45 13.05
N ILE B 123 19.77 11.27 13.37
CA ILE B 123 20.28 11.73 14.65
C ILE B 123 20.07 13.24 14.82
N SER B 124 20.28 13.99 13.75
CA SER B 124 20.11 15.42 13.80
C SER B 124 18.65 15.76 14.07
N LEU B 125 17.75 15.08 13.39
CA LEU B 125 16.32 15.34 13.57
C LEU B 125 15.90 15.04 15.01
N LEU B 126 16.40 13.94 15.57
CA LEU B 126 16.07 13.56 16.94
C LEU B 126 16.61 14.57 17.94
N ARG B 127 17.87 14.97 17.78
CA ARG B 127 18.45 15.96 18.68
C ARG B 127 17.62 17.23 18.63
N ASN B 128 16.95 17.45 17.51
CA ASN B 128 16.11 18.62 17.35
C ASN B 128 14.66 18.39 17.73
N ASN B 129 14.42 17.37 18.54
CA ASN B 129 13.08 17.05 18.99
C ASN B 129 12.05 16.80 17.91
N ARG B 130 12.48 16.19 16.80
CA ARG B 130 11.52 15.87 15.75
C ARG B 130 11.29 14.38 15.82
N VAL B 131 10.05 13.97 15.57
CA VAL B 131 9.71 12.55 15.59
C VAL B 131 10.16 11.97 14.27
N VAL B 132 10.86 10.85 14.33
CA VAL B 132 11.34 10.24 13.10
C VAL B 132 10.64 8.92 12.89
N ILE B 133 9.98 8.81 11.74
CA ILE B 133 9.25 7.60 11.42
C ILE B 133 10.05 6.83 10.38
N LEU B 134 10.48 5.61 10.75
CA LEU B 134 11.26 4.77 9.85
C LEU B 134 10.40 3.72 9.17
N SER B 135 10.24 3.84 7.85
CA SER B 135 9.44 2.90 7.06
C SER B 135 10.27 1.95 6.21
N ALA B 136 9.59 0.97 5.60
CA ALA B 136 10.23 -0.05 4.75
C ALA B 136 11.19 -0.92 5.54
N GLY B 137 10.97 -1.01 6.86
CA GLY B 137 11.82 -1.81 7.71
C GLY B 137 13.30 -1.72 7.44
N THR B 138 13.93 -2.87 7.18
CA THR B 138 15.37 -2.94 6.91
C THR B 138 15.70 -2.71 5.45
N GLY B 139 14.67 -2.65 4.60
CA GLY B 139 14.87 -2.44 3.18
C GLY B 139 15.01 -3.77 2.44
N ASN B 140 15.25 -4.84 3.19
CA ASN B 140 15.45 -6.16 2.60
C ASN B 140 14.34 -7.17 2.85
N PRO B 141 14.15 -8.11 1.92
CA PRO B 141 13.11 -9.14 2.08
C PRO B 141 13.59 -10.19 3.09
N PHE B 142 12.67 -11.06 3.51
CA PHE B 142 13.02 -12.11 4.46
C PHE B 142 13.19 -11.60 5.87
N PHE B 143 13.03 -10.30 6.07
CA PHE B 143 13.14 -9.73 7.39
C PHE B 143 11.78 -9.21 7.85
N THR B 144 11.68 -8.91 9.14
CA THR B 144 10.44 -8.40 9.69
C THR B 144 10.71 -7.01 10.28
N THR B 145 9.69 -6.20 10.50
CA THR B 145 9.94 -4.87 11.04
C THR B 145 10.51 -4.89 12.45
N ASP B 146 10.31 -5.99 13.17
CA ASP B 146 10.85 -6.13 14.53
C ASP B 146 12.36 -6.10 14.41
N SER B 147 12.89 -6.69 13.34
CA SER B 147 14.33 -6.69 13.10
C SER B 147 14.78 -5.25 12.97
N ALA B 148 14.08 -4.52 12.11
CA ALA B 148 14.37 -3.12 11.85
C ALA B 148 14.28 -2.27 13.13
N ALA B 149 13.34 -2.60 14.01
CA ALA B 149 13.20 -1.84 15.26
C ALA B 149 14.48 -1.98 16.06
N CYS B 150 14.98 -3.21 16.15
CA CYS B 150 16.21 -3.45 16.89
C CYS B 150 17.42 -2.85 16.19
N LEU B 151 17.48 -2.95 14.86
CA LEU B 151 18.62 -2.39 14.12
C LEU B 151 18.64 -0.87 14.22
N ARG B 152 17.53 -0.22 13.89
CA ARG B 152 17.46 1.22 13.97
C ARG B 152 17.67 1.65 15.41
N GLY B 153 17.11 0.87 16.32
CA GLY B 153 17.24 1.18 17.74
C GLY B 153 18.69 1.22 18.16
N ILE B 154 19.50 0.31 17.63
CA ILE B 154 20.92 0.26 17.95
C ILE B 154 21.67 1.37 17.21
N GLU B 155 21.23 1.68 16.00
CA GLU B 155 21.86 2.71 15.20
C GLU B 155 21.74 4.09 15.81
N ILE B 156 20.51 4.51 16.10
CA ILE B 156 20.26 5.81 16.69
C ILE B 156 20.58 5.82 18.18
N GLU B 157 21.01 4.67 18.69
CA GLU B 157 21.37 4.55 20.11
C GLU B 157 20.24 4.83 21.09
N ALA B 158 19.08 4.22 20.87
CA ALA B 158 17.97 4.41 21.78
C ALA B 158 18.36 3.79 23.12
N ASN B 159 17.68 4.19 24.19
CA ASN B 159 17.93 3.67 25.52
C ASN B 159 17.13 2.37 25.68
N VAL B 160 16.11 2.22 24.86
CA VAL B 160 15.23 1.07 24.93
C VAL B 160 14.32 1.01 23.70
N VAL B 161 13.83 -0.19 23.40
CA VAL B 161 12.89 -0.39 22.29
C VAL B 161 11.56 -0.71 22.97
N LEU B 162 10.52 0.03 22.61
CA LEU B 162 9.20 -0.19 23.18
C LEU B 162 8.35 -0.85 22.11
N LYS B 163 8.04 -2.12 22.32
CA LYS B 163 7.24 -2.84 21.35
C LYS B 163 5.76 -2.68 21.68
N ALA B 164 5.05 -1.89 20.88
CA ALA B 164 3.63 -1.65 21.08
C ALA B 164 2.89 -2.82 20.46
N THR B 165 2.01 -3.44 21.22
CA THR B 165 1.25 -4.60 20.73
C THR B 165 -0.22 -4.45 21.10
N LYS B 166 -0.97 -5.55 20.95
CA LYS B 166 -2.39 -5.54 21.31
C LYS B 166 -2.66 -6.31 22.60
N VAL B 167 -1.59 -6.82 23.21
CA VAL B 167 -1.68 -7.55 24.46
C VAL B 167 -0.82 -6.83 25.49
N ASP B 168 -1.12 -7.02 26.76
CA ASP B 168 -0.40 -6.34 27.83
C ASP B 168 1.05 -6.72 28.05
N GLY B 169 1.56 -7.70 27.30
CA GLY B 169 2.94 -8.10 27.47
C GLY B 169 3.26 -9.39 26.75
N VAL B 170 4.26 -10.10 27.24
CA VAL B 170 4.67 -11.36 26.62
C VAL B 170 3.94 -12.53 27.30
N PHE B 171 3.11 -13.23 26.53
CA PHE B 171 2.36 -14.36 27.07
C PHE B 171 2.98 -15.71 26.70
N THR B 172 2.56 -16.76 27.41
CA THR B 172 3.06 -18.11 27.15
C THR B 172 2.49 -18.63 25.83
N ALA B 173 1.31 -18.13 25.47
CA ALA B 173 0.64 -18.51 24.23
C ALA B 173 -0.30 -17.36 23.86
N ASP B 174 -0.74 -17.32 22.61
CA ASP B 174 -1.65 -16.28 22.13
C ASP B 174 -2.83 -16.23 23.10
N PRO B 175 -2.92 -15.15 23.90
CA PRO B 175 -4.01 -14.99 24.88
C PRO B 175 -5.40 -14.98 24.29
N ALA B 176 -5.49 -14.74 22.98
CA ALA B 176 -6.78 -14.70 22.30
C ALA B 176 -7.24 -16.07 21.81
N LYS B 177 -6.31 -17.01 21.70
CA LYS B 177 -6.65 -18.34 21.22
C LYS B 177 -6.45 -19.47 22.25
N ASP B 178 -5.46 -19.33 23.12
CA ASP B 178 -5.22 -20.34 24.14
C ASP B 178 -5.71 -19.84 25.50
N PRO B 179 -6.64 -20.56 26.13
CA PRO B 179 -7.17 -20.16 27.44
C PRO B 179 -6.17 -20.34 28.58
N THR B 180 -5.01 -20.91 28.26
CA THR B 180 -3.98 -21.15 29.27
C THR B 180 -2.90 -20.06 29.26
N ALA B 181 -2.99 -19.13 28.31
CA ALA B 181 -2.02 -18.05 28.15
C ALA B 181 -1.83 -17.16 29.37
N THR B 182 -0.57 -16.97 29.76
CA THR B 182 -0.22 -16.12 30.89
C THR B 182 0.97 -15.26 30.48
N MSE B 183 1.08 -14.05 31.04
CA MSE B 183 2.20 -13.20 30.69
C MSE B 183 3.15 -13.03 31.86
O MSE B 183 2.74 -13.08 33.03
CB MSE B 183 1.73 -11.83 30.20
CG MSE B 183 1.03 -10.95 31.23
SE MSE B 183 1.19 -9.03 30.77
CE MSE B 183 2.29 -8.46 32.25
N TYR B 184 4.42 -12.86 31.55
CA TYR B 184 5.45 -12.64 32.56
C TYR B 184 5.65 -11.14 32.63
N GLU B 185 6.23 -10.65 33.72
CA GLU B 185 6.43 -9.21 33.84
C GLU B 185 7.91 -8.87 33.69
N GLN B 186 8.75 -9.88 33.70
CA GLN B 186 10.19 -9.69 33.58
C GLN B 186 10.85 -10.93 32.98
N LEU B 187 11.82 -10.69 32.10
CA LEU B 187 12.51 -11.79 31.46
C LEU B 187 13.90 -11.36 31.01
N THR B 188 14.81 -12.32 30.95
CA THR B 188 16.15 -12.04 30.48
C THR B 188 16.15 -12.64 29.09
N TYR B 189 17.14 -12.28 28.28
CA TYR B 189 17.18 -12.82 26.94
C TYR B 189 17.33 -14.34 27.01
N SER B 190 17.90 -14.83 28.12
CA SER B 190 18.08 -16.26 28.31
C SER B 190 16.70 -16.90 28.50
N GLU B 191 15.99 -16.46 29.54
CA GLU B 191 14.66 -16.97 29.84
C GLU B 191 13.77 -17.01 28.61
N VAL B 192 13.81 -15.95 27.81
CA VAL B 192 12.99 -15.89 26.61
C VAL B 192 13.21 -17.09 25.70
N LEU B 193 14.45 -17.55 25.59
CA LEU B 193 14.75 -18.68 24.72
C LEU B 193 14.53 -20.06 25.38
N GLU B 194 14.91 -20.20 26.66
CA GLU B 194 14.69 -21.46 27.35
C GLU B 194 13.22 -21.72 27.60
N LYS B 195 12.42 -20.66 27.61
CA LYS B 195 10.98 -20.78 27.80
C LYS B 195 10.31 -20.71 26.43
N GLU B 196 11.07 -20.26 25.44
CA GLU B 196 10.59 -20.12 24.08
C GLU B 196 9.28 -19.33 23.96
N LEU B 197 9.25 -18.18 24.63
CA LEU B 197 8.10 -17.28 24.63
C LEU B 197 8.09 -16.45 23.34
N LYS B 198 6.92 -16.05 22.89
CA LYS B 198 6.82 -15.25 21.67
C LYS B 198 7.00 -13.76 21.93
N VAL B 199 8.07 -13.20 21.37
CA VAL B 199 8.40 -11.80 21.54
C VAL B 199 8.64 -11.17 20.16
N MSE B 200 9.58 -11.75 19.43
CA MSE B 200 9.93 -11.29 18.09
C MSE B 200 10.34 -12.55 17.33
O MSE B 200 9.64 -13.56 17.36
CB MSE B 200 11.12 -10.33 18.13
CG MSE B 200 11.05 -9.29 19.22
SE MSE B 200 12.49 -8.01 19.08
CE MSE B 200 11.45 -6.37 19.03
N ASP B 201 11.48 -12.48 16.65
CA ASP B 201 12.02 -13.61 15.91
C ASP B 201 13.53 -13.53 16.05
N LEU B 202 14.11 -14.62 16.54
CA LEU B 202 15.55 -14.70 16.78
C LEU B 202 16.39 -13.67 16.05
N ALA B 203 16.20 -13.54 14.74
CA ALA B 203 16.94 -12.57 13.96
C ALA B 203 16.99 -11.27 14.75
N ALA B 204 15.83 -10.65 14.89
CA ALA B 204 15.69 -9.40 15.63
C ALA B 204 16.20 -9.51 17.06
N PHE B 205 15.60 -10.45 17.79
CA PHE B 205 15.93 -10.70 19.20
C PHE B 205 17.42 -10.83 19.52
N THR B 206 18.07 -11.81 18.92
CA THR B 206 19.50 -12.05 19.16
C THR B 206 20.29 -10.78 18.94
N LEU B 207 19.90 -10.00 17.94
CA LEU B 207 20.59 -8.75 17.65
C LEU B 207 20.47 -7.85 18.88
N ALA B 208 19.25 -7.71 19.36
CA ALA B 208 18.99 -6.88 20.53
C ALA B 208 19.81 -7.38 21.71
N ARG B 209 19.77 -8.69 21.92
CA ARG B 209 20.52 -9.30 23.02
C ARG B 209 22.00 -8.99 22.84
N ASP B 210 22.53 -9.37 21.69
CA ASP B 210 23.93 -9.12 21.37
C ASP B 210 24.36 -7.74 21.83
N HIS B 211 23.56 -6.73 21.48
CA HIS B 211 23.89 -5.35 21.83
C HIS B 211 23.33 -4.85 23.16
N LYS B 212 22.80 -5.76 23.98
CA LYS B 212 22.27 -5.40 25.29
C LYS B 212 21.23 -4.27 25.25
N LEU B 213 20.32 -4.33 24.29
CA LEU B 213 19.27 -3.32 24.16
C LEU B 213 18.04 -3.82 24.91
N PRO B 214 17.63 -3.15 26.00
CA PRO B 214 16.45 -3.62 26.72
C PRO B 214 15.18 -3.47 25.88
N ILE B 215 14.21 -4.34 26.13
CA ILE B 215 12.96 -4.30 25.39
C ILE B 215 11.79 -4.30 26.38
N ARG B 216 10.78 -3.48 26.09
CA ARG B 216 9.62 -3.41 26.95
C ARG B 216 8.42 -3.58 26.05
N VAL B 217 7.64 -4.64 26.31
CA VAL B 217 6.46 -4.97 25.53
C VAL B 217 5.19 -4.49 26.25
N PHE B 218 4.42 -3.62 25.61
CA PHE B 218 3.21 -3.09 26.21
C PHE B 218 2.06 -3.07 25.21
N ASN B 219 0.87 -2.68 25.67
CA ASN B 219 -0.32 -2.63 24.82
C ASN B 219 -0.67 -1.19 24.38
N MSE B 220 -0.60 -0.92 23.08
CA MSE B 220 -0.92 0.42 22.61
C MSE B 220 -2.41 0.72 22.58
O MSE B 220 -2.81 1.87 22.39
CB MSE B 220 -0.31 0.68 21.22
CG MSE B 220 -1.03 0.02 20.05
SE MSE B 220 -0.37 0.62 18.29
CE MSE B 220 0.94 -0.78 17.98
N ASN B 221 -3.24 -0.31 22.74
CA ASN B 221 -4.69 -0.11 22.74
C ASN B 221 -5.13 0.43 24.10
N LYS B 222 -4.19 0.44 25.05
CA LYS B 222 -4.43 0.94 26.40
C LYS B 222 -4.09 2.42 26.43
N PRO B 223 -5.11 3.30 26.43
CA PRO B 223 -4.78 4.72 26.47
C PRO B 223 -3.96 5.03 27.72
N GLY B 224 -2.80 5.65 27.52
CA GLY B 224 -1.95 6.01 28.64
C GLY B 224 -0.81 5.06 28.94
N ALA B 225 -0.88 3.84 28.41
CA ALA B 225 0.15 2.86 28.65
C ALA B 225 1.54 3.33 28.20
N LEU B 226 1.62 3.95 27.04
CA LEU B 226 2.92 4.42 26.56
C LEU B 226 3.52 5.43 27.55
N ARG B 227 2.69 6.31 28.10
CA ARG B 227 3.17 7.30 29.05
C ARG B 227 3.63 6.69 30.37
N ARG B 228 2.98 5.60 30.79
CA ARG B 228 3.35 4.94 32.03
C ARG B 228 4.74 4.32 31.87
N VAL B 229 4.95 3.64 30.74
CA VAL B 229 6.23 2.99 30.46
C VAL B 229 7.39 3.95 30.57
N VAL B 230 7.23 5.10 29.92
CA VAL B 230 8.22 6.16 29.86
C VAL B 230 8.45 6.83 31.22
N MSE B 231 7.41 6.91 32.04
CA MSE B 231 7.51 7.52 33.37
C MSE B 231 8.06 6.52 34.39
O MSE B 231 8.36 6.88 35.53
CB MSE B 231 6.16 8.04 33.84
CG MSE B 231 5.68 9.24 33.06
SE MSE B 231 7.00 10.62 33.06
CE MSE B 231 5.83 12.15 32.86
N GLY B 232 8.17 5.26 33.99
CA GLY B 232 8.69 4.25 34.89
C GLY B 232 7.66 3.63 35.79
N GLU B 233 6.44 3.47 35.30
CA GLU B 233 5.38 2.88 36.09
C GLU B 233 5.12 1.47 35.60
N LYS B 234 4.53 0.65 36.47
CA LYS B 234 4.25 -0.75 36.16
C LYS B 234 3.39 -0.97 34.92
N GLU B 235 4.05 -1.30 33.80
CA GLU B 235 3.37 -1.57 32.53
C GLU B 235 4.13 -2.58 31.69
N GLY B 236 3.38 -3.52 31.11
CA GLY B 236 3.98 -4.52 30.24
C GLY B 236 5.03 -5.43 30.85
N THR B 237 5.88 -5.95 29.97
CA THR B 237 6.95 -6.87 30.31
C THR B 237 8.29 -6.27 29.92
N LEU B 238 9.30 -6.45 30.78
CA LEU B 238 10.63 -5.93 30.49
C LEU B 238 11.60 -7.08 30.25
N ILE B 239 12.28 -7.00 29.10
CA ILE B 239 13.26 -8.00 28.69
C ILE B 239 14.63 -7.36 28.76
N THR B 240 15.46 -7.84 29.67
CA THR B 240 16.82 -7.32 29.84
C THR B 240 17.73 -8.53 29.97
N GLU B 241 19.02 -8.29 30.21
CA GLU B 241 19.94 -9.40 30.35
C GLU B 241 20.16 -9.64 31.84
PA UTP C . -8.38 5.38 -8.34
O1A UTP C . -8.81 6.26 -9.44
O2A UTP C . -7.03 4.72 -8.36
O3A UTP C . -9.47 4.23 -8.07
O5' UTP C . -8.54 6.09 -6.97
PB UTP C . -9.88 2.93 -8.85
O1B UTP C . -9.66 1.69 -8.15
O2B UTP C . -9.35 3.08 -10.17
O3B UTP C . -11.44 3.20 -8.85
PG UTP C . -12.44 3.58 -10.00
O1G UTP C . -12.24 5.07 -10.29
O2G UTP C . -12.02 2.68 -11.14
O3G UTP C . -13.85 3.30 -9.53
C5' UTP C . -7.72 5.70 -5.87
C4' UTP C . -7.06 6.90 -5.29
O4' UTP C . -5.76 7.10 -5.92
C1' UTP C . -5.41 8.48 -5.81
C2' UTP C . -6.66 9.17 -5.20
O2' UTP C . -6.49 9.34 -3.82
C3' UTP C . -7.76 8.20 -5.55
O3' UTP C . -8.91 8.31 -4.70
N1 UTP C . -4.97 9.03 -7.12
C6 UTP C . -5.03 8.27 -8.30
C2 UTP C . -4.37 10.32 -7.14
O2 UTP C . -4.54 11.14 -6.25
N3 UTP C . -3.77 10.67 -8.34
C4 UTP C . -3.84 9.99 -9.55
O4 UTP C . -3.52 10.59 -10.60
C5 UTP C . -4.50 8.69 -9.49
C1 GOL D . 0.97 -23.52 -20.76
O1 GOL D . 1.22 -24.22 -19.55
C2 GOL D . 1.15 -21.98 -20.64
O2 GOL D . 2.28 -21.62 -19.87
C3 GOL D . -0.08 -21.35 -20.02
O3 GOL D . -0.13 -19.98 -20.39
C1 GOL E . -1.94 -20.45 -23.07
O1 GOL E . -0.92 -21.35 -23.49
C2 GOL E . -2.48 -19.55 -24.18
O2 GOL E . -1.54 -18.60 -24.62
C3 GOL E . -3.75 -18.83 -23.72
O3 GOL E . -3.41 -17.87 -22.72
C1 GOL F . -11.71 2.60 -0.39
O1 GOL F . -11.89 1.26 0.07
C2 GOL F . -10.85 3.50 0.52
O2 GOL F . -10.22 2.80 1.59
C3 GOL F . -11.69 4.64 1.11
O3 GOL F . -10.89 5.35 2.05
C1 GOL G . -19.31 13.04 -16.40
O1 GOL G . -18.32 12.82 -15.40
C2 GOL G . -19.36 11.99 -17.51
O2 GOL G . -20.53 12.08 -18.32
C3 GOL G . -19.30 10.58 -16.92
O3 GOL G . -18.54 9.77 -17.79
C1 GOL H . 10.40 -13.51 -16.47
O1 GOL H . 11.52 -12.89 -15.85
C2 GOL H . 10.23 -13.13 -17.94
O2 GOL H . 9.62 -11.86 -18.11
C3 GOL H . 9.40 -14.18 -18.68
O3 GOL H . 10.08 -14.55 -19.87
PA UTP I . 5.56 -6.56 9.59
O1A UTP I . 6.44 -7.47 10.32
O2A UTP I . 5.94 -5.14 9.39
O3A UTP I . 4.09 -6.58 10.21
O5' UTP I . 5.15 -7.15 8.22
PB UTP I . 3.49 -6.06 11.55
O1B UTP I . 2.21 -5.41 11.42
O2B UTP I . 4.55 -5.38 12.22
O3B UTP I . 3.24 -7.48 12.25
PG UTP I . 3.50 -7.99 13.74
O1G UTP I . 3.87 -9.48 13.63
O2G UTP I . 4.63 -7.11 14.23
O3G UTP I . 2.23 -7.78 14.57
C5' UTP I . 5.12 -6.35 7.04
C4' UTP I . 5.87 -7.06 5.95
O4' UTP I . 6.93 -6.21 5.47
C1' UTP I . 7.98 -7.00 4.98
C2' UTP I . 7.65 -8.47 5.35
O2' UTP I . 7.28 -9.22 4.20
C3' UTP I . 6.54 -8.33 6.36
O3' UTP I . 5.60 -9.40 6.31
N1 UTP I . 9.29 -6.52 5.50
C6 UTP I . 9.37 -5.74 6.67
C2 UTP I . 10.46 -6.92 4.82
O2 UTP I . 10.45 -7.50 3.75
N3 UTP I . 11.64 -6.54 5.43
C4 UTP I . 11.80 -5.86 6.64
O4 UTP I . 12.93 -5.60 7.05
C5 UTP I . 10.55 -5.42 7.25
C1 GOL J . 11.55 -17.16 7.33
O1 GOL J . 11.14 -15.88 6.84
C2 GOL J . 11.37 -18.31 6.34
O2 GOL J . 10.03 -18.43 5.85
C3 GOL J . 11.77 -19.64 6.99
O3 GOL J . 11.54 -20.68 6.04
C1 GOL K . 3.86 21.84 12.86
O1 GOL K . 4.81 21.97 13.91
C2 GOL K . 3.93 20.49 12.12
O2 GOL K . 5.26 20.05 11.89
C3 GOL K . 3.18 20.57 10.79
O3 GOL K . 4.00 21.26 9.83
#